data_8POD
#
_entry.id   8POD
#
_cell.length_a   43.343
_cell.length_b   76.622
_cell.length_c   138.544
_cell.angle_alpha   90.000
_cell.angle_beta   90.000
_cell.angle_gamma   90.000
#
_symmetry.space_group_name_H-M   'P 21 21 21'
#
loop_
_entity.id
_entity.type
_entity.pdbx_description
1 polymer 'Activin receptor type-1'
2 polymer 'Peptidyl-prolyl cis-trans isomerase FKBP1A'
3 non-polymer 6-(4-piperazin-1-ylphenyl)-3-quinolin-4-yl-furo[3,2-b]pyridine
4 non-polymer 'FLUORIDE ION'
5 water water
#
loop_
_entity_poly.entity_id
_entity_poly.type
_entity_poly.pdbx_seq_one_letter_code
_entity_poly.pdbx_strand_id
1 'polypeptide(L)'
;SMTTNVGDSTLADLLDHSCTSGSGSGLPFLVQRTVARQITLLECVGKGRYGEVWRGSWQGENVAVKIFSSRDEKSWFRET
ELYNTVMLRHENILGFIASDMTSRHSSTQLWLITHYHEMGSLYDYLQLTTLDTVSCLRIVLSIASGLAHLHIEIFGTQGK
PAIAHRDLKSKNILVKKNGQCCIADLGLAVMHSQSTNQLDVGNNPRVGTKRYMAPEVLDETIQVDCFDSYKRVDIWAFGL
VLWEVARRMVSNGIVEDYKPPFYDVVPNDPSFEDMRKVVCVDQQRPNIPNRWFSDPTLTSLAKLMKECWYQNPSARLTAL
RIKKTLTKID
;
A
2 'polypeptide(L)'
;SMGVQVETISPGDGRTFPKRGQTCVVHYTGMLEDGKKFDSSRDRNKPFKFMLGKQEVIRGWEEGVAQMSVGQRAKLTISP
DYAYGATGHPGIIPPHATLVFDVELLKLE
;
B
#
loop_
_chem_comp.id
_chem_comp.type
_chem_comp.name
_chem_comp.formula
7IO non-polymer 6-(4-piperazin-1-ylphenyl)-3-quinolin-4-yl-furo[3,2-b]pyridine 'C26 H22 N4 O'
F non-polymer 'FLUORIDE ION' 'F -1'
#
# COMPACT_ATOMS: atom_id res chain seq x y z
N MET A 2 18.89 10.75 26.71
CA MET A 2 18.26 10.11 25.57
C MET A 2 19.18 10.12 24.35
N THR A 3 18.80 9.36 23.33
CA THR A 3 19.54 9.29 22.08
C THR A 3 19.12 10.37 21.08
N THR A 4 18.39 11.39 21.54
CA THR A 4 17.87 12.42 20.65
C THR A 4 18.91 13.54 20.50
N ASN A 5 19.14 13.96 19.26
CA ASN A 5 19.97 15.11 18.96
C ASN A 5 19.13 16.16 18.23
N VAL A 6 19.62 17.40 18.27
CA VAL A 6 18.92 18.49 17.60
C VAL A 6 18.94 18.24 16.10
N GLY A 7 17.77 18.33 15.47
CA GLY A 7 17.62 18.03 14.06
C GLY A 7 16.97 16.70 13.77
N ASP A 8 16.73 15.89 14.79
CA ASP A 8 16.04 14.61 14.59
C ASP A 8 14.61 14.87 14.14
N SER A 9 14.16 14.08 13.17
CA SER A 9 12.82 14.20 12.62
C SER A 9 12.06 12.89 12.80
N THR A 10 10.78 12.99 13.13
CA THR A 10 9.94 11.81 13.21
C THR A 10 9.45 11.42 11.81
N LEU A 11 8.78 10.27 11.72
CA LEU A 11 8.21 9.84 10.45
C LEU A 11 7.13 10.79 9.98
N ALA A 12 6.31 11.30 10.90
CA ALA A 12 5.25 12.23 10.53
C ALA A 12 5.81 13.52 9.95
N ASP A 13 7.00 13.94 10.39
CA ASP A 13 7.62 15.14 9.86
C ASP A 13 8.19 14.90 8.47
N LEU A 14 8.75 13.70 8.24
CA LEU A 14 9.32 13.39 6.94
C LEU A 14 8.25 13.11 5.89
N LEU A 15 7.07 12.64 6.31
CA LEU A 15 6.01 12.30 5.37
C LEU A 15 5.26 13.51 4.85
N ASP A 16 5.26 14.62 5.59
CA ASP A 16 4.54 15.82 5.18
C ASP A 16 5.16 16.43 3.94
N HIS A 17 4.61 16.10 2.76
CA HIS A 17 5.15 16.59 1.50
C HIS A 17 4.12 16.45 0.39
N GLY A 24 3.08 11.75 -4.97
CA GLY A 24 3.30 10.50 -4.28
C GLY A 24 2.60 10.42 -2.95
N SER A 25 2.37 9.19 -2.47
CA SER A 25 1.65 9.00 -1.21
C SER A 25 2.58 8.93 0.00
N GLY A 26 3.84 8.52 -0.21
CA GLY A 26 4.73 8.32 0.92
C GLY A 26 5.80 9.38 1.05
N LEU A 27 6.99 8.96 1.46
CA LEU A 27 8.09 9.90 1.65
C LEU A 27 8.57 10.44 0.30
N PRO A 28 9.34 11.53 0.32
CA PRO A 28 10.05 11.93 -0.90
C PRO A 28 10.88 10.79 -1.44
N PHE A 29 11.14 10.84 -2.75
CA PHE A 29 11.75 9.71 -3.45
C PHE A 29 13.08 9.32 -2.81
N LEU A 30 14.04 10.25 -2.77
CA LEU A 30 15.34 9.93 -2.21
C LEU A 30 15.27 9.61 -0.72
N VAL A 31 14.27 10.14 -0.02
CA VAL A 31 14.12 9.83 1.40
C VAL A 31 13.65 8.39 1.60
N GLN A 32 12.92 7.84 0.62
CA GLN A 32 12.43 6.47 0.75
C GLN A 32 13.58 5.48 0.95
N ARG A 33 14.67 5.66 0.20
CA ARG A 33 15.80 4.74 0.30
C ARG A 33 16.50 4.87 1.64
N THR A 34 16.67 6.11 2.12
CA THR A 34 17.37 6.33 3.38
C THR A 34 16.60 5.73 4.55
N VAL A 35 15.29 6.00 4.63
CA VAL A 35 14.49 5.48 5.72
C VAL A 35 14.42 3.96 5.65
N ALA A 36 14.34 3.40 4.44
CA ALA A 36 14.21 1.95 4.30
C ALA A 36 15.40 1.22 4.89
N ARG A 37 16.62 1.66 4.54
CA ARG A 37 17.82 0.99 4.98
C ARG A 37 18.29 1.44 6.36
N GLN A 38 17.49 2.23 7.06
CA GLN A 38 17.71 2.52 8.47
C GLN A 38 16.74 1.79 9.39
N ILE A 39 15.86 0.96 8.82
CA ILE A 39 14.86 0.25 9.61
C ILE A 39 15.51 -0.97 10.25
N THR A 40 15.16 -1.21 11.52
CA THR A 40 15.63 -2.39 12.25
C THR A 40 14.48 -3.38 12.34
N LEU A 41 14.63 -4.53 11.68
CA LEU A 41 13.63 -5.58 11.77
C LEU A 41 13.58 -6.15 13.18
N LEU A 42 12.37 -6.41 13.66
CA LEU A 42 12.15 -6.84 15.03
C LEU A 42 11.49 -8.22 15.11
N GLU A 43 10.27 -8.36 14.57
CA GLU A 43 9.52 -9.60 14.71
C GLU A 43 8.80 -9.90 13.40
N CYS A 44 8.83 -11.18 12.99
CA CYS A 44 8.11 -11.62 11.82
C CYS A 44 6.65 -11.83 12.18
N VAL A 45 5.75 -11.09 11.51
CA VAL A 45 4.32 -11.17 11.80
C VAL A 45 3.52 -11.81 10.68
N GLY A 46 4.14 -12.13 9.55
CA GLY A 46 3.43 -12.77 8.46
C GLY A 46 4.40 -13.46 7.53
N LYS A 47 3.94 -14.57 6.95
CA LYS A 47 4.74 -15.31 5.98
C LYS A 47 3.80 -16.12 5.09
N GLY A 48 4.01 -16.05 3.79
CA GLY A 48 3.17 -16.79 2.86
C GLY A 48 3.76 -16.78 1.47
N ARG A 49 2.92 -17.14 0.50
CA ARG A 49 3.39 -17.16 -0.89
C ARG A 49 3.79 -15.77 -1.37
N TYR A 50 3.18 -14.73 -0.79
CA TYR A 50 3.56 -13.36 -1.14
C TYR A 50 4.96 -13.02 -0.67
N GLY A 51 5.42 -13.66 0.41
CA GLY A 51 6.70 -13.34 1.02
C GLY A 51 6.60 -13.29 2.54
N GLU A 52 7.12 -12.22 3.14
CA GLU A 52 7.12 -12.07 4.59
C GLU A 52 6.64 -10.66 4.94
N VAL A 53 6.11 -10.53 6.16
CA VAL A 53 5.77 -9.24 6.73
C VAL A 53 6.44 -9.16 8.10
N TRP A 54 7.21 -8.09 8.31
CA TRP A 54 7.99 -7.91 9.53
C TRP A 54 7.58 -6.62 10.22
N ARG A 55 7.52 -6.67 11.54
CA ARG A 55 7.43 -5.46 12.34
C ARG A 55 8.83 -4.87 12.48
N GLY A 56 9.01 -3.64 12.00
CA GLY A 56 10.30 -2.98 12.03
C GLY A 56 10.28 -1.73 12.90
N SER A 57 11.41 -1.06 12.92
CA SER A 57 11.57 0.16 13.72
C SER A 57 12.49 1.12 12.99
N TRP A 58 12.03 2.36 12.81
CA TRP A 58 12.85 3.45 12.31
C TRP A 58 12.87 4.53 13.39
N GLN A 59 14.05 4.81 13.94
CA GLN A 59 14.21 5.81 14.99
C GLN A 59 13.20 5.60 16.11
N GLY A 60 13.03 4.34 16.50
CA GLY A 60 12.13 3.99 17.58
C GLY A 60 10.66 3.94 17.22
N GLU A 61 10.31 4.18 15.97
CA GLU A 61 8.91 4.17 15.52
C GLU A 61 8.63 2.86 14.81
N ASN A 62 7.49 2.25 15.15
CA ASN A 62 7.10 0.99 14.52
C ASN A 62 6.70 1.21 13.07
N VAL A 63 7.15 0.32 12.20
CA VAL A 63 6.75 0.28 10.80
C VAL A 63 6.55 -1.17 10.40
N ALA A 64 5.83 -1.36 9.30
CA ALA A 64 5.61 -2.68 8.71
C ALA A 64 6.44 -2.80 7.45
N VAL A 65 7.18 -3.92 7.34
CA VAL A 65 8.07 -4.17 6.21
C VAL A 65 7.60 -5.44 5.52
N LYS A 66 7.11 -5.32 4.29
CA LYS A 66 6.72 -6.46 3.48
C LYS A 66 7.85 -6.79 2.52
N ILE A 67 8.48 -7.93 2.73
CA ILE A 67 9.58 -8.40 1.89
C ILE A 67 9.00 -9.41 0.90
N PHE A 68 8.93 -9.01 -0.36
CA PHE A 68 8.29 -9.82 -1.38
C PHE A 68 9.19 -10.98 -1.81
N SER A 69 8.56 -12.06 -2.23
CA SER A 69 9.30 -13.16 -2.85
C SER A 69 9.57 -12.83 -4.31
N SER A 70 10.51 -13.57 -4.90
CA SER A 70 10.89 -13.31 -6.28
C SER A 70 9.75 -13.60 -7.24
N ARG A 71 8.87 -14.54 -6.90
CA ARG A 71 7.74 -14.86 -7.76
C ARG A 71 6.67 -13.78 -7.75
N ASP A 72 6.67 -12.89 -6.76
CA ASP A 72 5.65 -11.87 -6.60
C ASP A 72 6.18 -10.47 -6.88
N GLU A 73 7.16 -10.34 -7.78
CA GLU A 73 7.74 -9.04 -8.07
C GLU A 73 6.76 -8.11 -8.76
N LYS A 74 5.82 -8.66 -9.54
CA LYS A 74 4.88 -7.82 -10.26
C LYS A 74 3.87 -7.17 -9.31
N SER A 75 3.56 -7.83 -8.18
CA SER A 75 2.70 -7.21 -7.18
C SER A 75 3.41 -6.05 -6.50
N TRP A 76 4.71 -6.21 -6.22
CA TRP A 76 5.48 -5.12 -5.64
C TRP A 76 5.62 -3.95 -6.60
N PHE A 77 5.72 -4.25 -7.90
CA PHE A 77 5.79 -3.19 -8.90
C PHE A 77 4.49 -2.40 -8.93
N ARG A 78 3.36 -3.10 -8.97
CA ARG A 78 2.06 -2.42 -9.10
C ARG A 78 1.77 -1.58 -7.88
N GLU A 79 1.99 -2.12 -6.68
CA GLU A 79 1.71 -1.37 -5.46
C GLU A 79 2.67 -0.19 -5.32
N THR A 80 3.94 -0.37 -5.69
CA THR A 80 4.88 0.75 -5.63
C THR A 80 4.53 1.82 -6.65
N GLU A 81 4.21 1.41 -7.88
CA GLU A 81 3.83 2.37 -8.91
C GLU A 81 2.55 3.09 -8.53
N LEU A 82 1.56 2.36 -8.02
CA LEU A 82 0.29 2.97 -7.63
C LEU A 82 0.49 4.00 -6.52
N TYR A 83 1.20 3.62 -5.46
CA TYR A 83 1.39 4.52 -4.33
C TYR A 83 2.24 5.73 -4.69
N ASN A 84 3.20 5.56 -5.60
CA ASN A 84 4.10 6.66 -5.94
C ASN A 84 3.48 7.62 -6.95
N THR A 85 2.53 7.16 -7.76
CA THR A 85 1.92 8.00 -8.79
C THR A 85 0.56 8.56 -8.40
N VAL A 86 -0.10 7.97 -7.41
CA VAL A 86 -1.44 8.37 -6.99
C VAL A 86 -1.39 8.77 -5.52
N MET A 87 -1.93 9.95 -5.22
CA MET A 87 -2.02 10.42 -3.84
C MET A 87 -3.07 9.60 -3.10
N LEU A 88 -2.64 8.56 -2.40
CA LEU A 88 -3.55 7.63 -1.72
C LEU A 88 -3.31 7.74 -0.21
N ARG A 89 -3.87 8.78 0.39
CA ARG A 89 -3.81 8.98 1.84
C ARG A 89 -5.24 9.01 2.36
N HIS A 90 -5.57 8.05 3.22
CA HIS A 90 -6.92 7.91 3.73
C HIS A 90 -6.85 7.09 5.02
N GLU A 91 -7.78 7.38 5.94
CA GLU A 91 -7.80 6.68 7.21
C GLU A 91 -8.01 5.18 7.01
N ASN A 92 -8.77 4.79 5.99
CA ASN A 92 -9.14 3.39 5.79
C ASN A 92 -8.40 2.75 4.62
N ILE A 93 -7.24 3.30 4.25
CA ILE A 93 -6.34 2.67 3.30
C ILE A 93 -4.95 2.63 3.92
N LEU A 94 -4.27 1.49 3.82
CA LEU A 94 -2.98 1.30 4.46
C LEU A 94 -2.00 2.40 4.08
N GLY A 95 -1.43 3.04 5.10
CA GLY A 95 -0.54 4.17 4.87
C GLY A 95 0.78 3.72 4.29
N PHE A 96 1.09 4.17 3.08
CA PHE A 96 2.35 3.82 2.43
C PHE A 96 3.45 4.76 2.91
N ILE A 97 4.60 4.20 3.25
CA ILE A 97 5.75 4.97 3.73
C ILE A 97 6.86 5.02 2.68
N ALA A 98 7.33 3.86 2.24
CA ALA A 98 8.43 3.83 1.28
C ALA A 98 8.49 2.48 0.60
N SER A 99 9.18 2.44 -0.53
CA SER A 99 9.46 1.21 -1.26
C SER A 99 10.93 1.22 -1.65
N ASP A 100 11.58 0.06 -1.56
CA ASP A 100 13.01 -0.01 -1.78
C ASP A 100 13.38 -1.39 -2.31
N MET A 101 14.52 -1.44 -3.00
CA MET A 101 15.07 -2.69 -3.51
C MET A 101 16.57 -2.71 -3.24
N THR A 102 17.06 -3.90 -2.86
CA THR A 102 18.48 -4.09 -2.60
C THR A 102 19.02 -5.18 -3.53
N SER A 103 20.30 -5.03 -3.90
CA SER A 103 20.95 -5.96 -4.82
C SER A 103 21.82 -6.98 -4.09
N ARG A 104 21.78 -7.01 -2.76
CA ARG A 104 22.58 -7.93 -1.97
C ARG A 104 21.66 -8.81 -1.12
N HIS A 105 22.27 -9.75 -0.39
CA HIS A 105 21.57 -10.69 0.48
C HIS A 105 20.50 -11.48 -0.28
N SER A 107 18.90 -13.19 -4.81
CA SER A 107 19.95 -12.18 -4.90
C SER A 107 19.39 -10.81 -4.56
N THR A 108 18.25 -10.47 -5.16
CA THR A 108 17.60 -9.19 -4.95
C THR A 108 16.49 -9.31 -3.92
N GLN A 109 16.25 -8.22 -3.20
CA GLN A 109 15.17 -8.14 -2.22
C GLN A 109 14.31 -6.93 -2.51
N LEU A 110 13.00 -7.11 -2.49
CA LEU A 110 12.04 -6.04 -2.75
C LEU A 110 11.27 -5.74 -1.47
N TRP A 111 11.29 -4.47 -1.05
CA TRP A 111 10.73 -4.05 0.22
C TRP A 111 9.59 -3.05 0.01
N LEU A 112 8.53 -3.22 0.80
CA LEU A 112 7.45 -2.26 0.88
C LEU A 112 7.24 -1.90 2.35
N ILE A 113 7.36 -0.63 2.68
CA ILE A 113 7.25 -0.15 4.05
C ILE A 113 5.94 0.62 4.19
N THR A 114 5.12 0.20 5.15
CA THR A 114 3.82 0.81 5.41
C THR A 114 3.69 1.12 6.90
N HIS A 115 2.54 1.68 7.28
CA HIS A 115 2.22 1.83 8.69
C HIS A 115 2.12 0.45 9.34
N TYR A 116 2.46 0.39 10.63
CA TYR A 116 2.30 -0.82 11.40
C TYR A 116 1.04 -0.70 12.26
N HIS A 117 0.18 -1.70 12.19
CA HIS A 117 -1.04 -1.76 12.99
C HIS A 117 -0.96 -2.97 13.89
N GLU A 118 -0.71 -2.73 15.18
CA GLU A 118 -0.40 -3.82 16.11
C GLU A 118 -1.54 -4.81 16.26
N MET A 119 -2.78 -4.40 16.01
CA MET A 119 -3.91 -5.32 16.13
C MET A 119 -3.90 -6.39 15.05
N GLY A 120 -3.13 -6.20 13.99
CA GLY A 120 -3.07 -7.17 12.92
C GLY A 120 -4.22 -7.04 11.94
N SER A 121 -4.42 -8.10 11.17
CA SER A 121 -5.48 -8.11 10.17
C SER A 121 -6.84 -8.35 10.81
N LEU A 122 -7.89 -8.00 10.08
CA LEU A 122 -9.25 -8.28 10.54
C LEU A 122 -9.49 -9.77 10.69
N TYR A 123 -8.81 -10.59 9.88
CA TYR A 123 -8.92 -12.04 10.02
C TYR A 123 -8.46 -12.49 11.40
N ASP A 124 -7.29 -12.01 11.84
CA ASP A 124 -6.79 -12.39 13.16
C ASP A 124 -7.64 -11.77 14.26
N TYR A 125 -8.06 -10.51 14.07
CA TYR A 125 -8.79 -9.81 15.12
C TYR A 125 -10.12 -10.48 15.42
N LEU A 126 -10.83 -10.93 14.39
CA LEU A 126 -12.13 -11.54 14.61
C LEU A 126 -12.03 -12.90 15.29
N GLN A 127 -10.86 -13.55 15.24
CA GLN A 127 -10.71 -14.86 15.86
C GLN A 127 -10.45 -14.77 17.35
N LEU A 128 -9.96 -13.63 17.83
CA LEU A 128 -9.68 -13.48 19.25
C LEU A 128 -10.75 -12.68 19.98
N THR A 129 -11.37 -11.71 19.31
CA THR A 129 -12.27 -10.79 19.97
C THR A 129 -13.69 -10.91 19.43
N THR A 130 -14.65 -10.61 20.30
CA THR A 130 -16.04 -10.42 19.92
C THR A 130 -16.34 -8.92 19.83
N LEU A 131 -17.47 -8.59 19.21
CA LEU A 131 -17.81 -7.21 18.95
C LEU A 131 -19.17 -6.86 19.54
N ASP A 132 -19.40 -5.57 19.72
CA ASP A 132 -20.69 -5.00 20.07
C ASP A 132 -21.14 -4.08 18.94
N THR A 133 -22.27 -3.41 19.15
CA THR A 133 -22.84 -2.58 18.10
C THR A 133 -21.88 -1.47 17.68
N VAL A 134 -21.20 -0.84 18.64
CA VAL A 134 -20.30 0.27 18.31
C VAL A 134 -19.09 -0.24 17.56
N SER A 135 -18.45 -1.30 18.06
CA SER A 135 -17.23 -1.80 17.42
C SER A 135 -17.52 -2.48 16.09
N CYS A 136 -18.68 -3.11 15.95
CA CYS A 136 -19.02 -3.75 14.68
C CYS A 136 -19.26 -2.69 13.60
N LEU A 137 -20.03 -1.65 13.92
CA LEU A 137 -20.29 -0.60 12.94
C LEU A 137 -19.00 0.14 12.57
N ARG A 138 -18.15 0.42 13.57
CA ARG A 138 -16.90 1.09 13.29
C ARG A 138 -16.03 0.28 12.33
N ILE A 139 -15.96 -1.04 12.53
CA ILE A 139 -15.20 -1.89 11.63
C ILE A 139 -15.83 -1.88 10.25
N VAL A 140 -17.15 -2.09 10.19
CA VAL A 140 -17.82 -2.28 8.91
C VAL A 140 -17.89 -0.97 8.13
N LEU A 141 -18.22 0.12 8.80
CA LEU A 141 -18.31 1.41 8.11
C LEU A 141 -16.94 1.87 7.62
N SER A 142 -15.87 1.56 8.35
CA SER A 142 -14.54 1.97 7.91
C SER A 142 -14.14 1.25 6.63
N ILE A 143 -14.44 -0.04 6.53
CA ILE A 143 -14.10 -0.78 5.31
C ILE A 143 -14.87 -0.20 4.12
N ALA A 144 -16.15 0.13 4.32
CA ALA A 144 -16.94 0.70 3.25
C ALA A 144 -16.41 2.07 2.84
N SER A 145 -15.97 2.87 3.81
CA SER A 145 -15.45 4.20 3.50
C SER A 145 -14.13 4.10 2.73
N GLY A 146 -13.28 3.15 3.09
CA GLY A 146 -12.03 2.97 2.36
C GLY A 146 -12.26 2.40 0.97
N LEU A 147 -13.19 1.44 0.85
CA LEU A 147 -13.51 0.89 -0.45
C LEU A 147 -14.15 1.94 -1.35
N ALA A 148 -15.05 2.75 -0.79
CA ALA A 148 -15.67 3.82 -1.57
C ALA A 148 -14.65 4.87 -1.99
N HIS A 149 -13.66 5.15 -1.14
CA HIS A 149 -12.61 6.08 -1.53
C HIS A 149 -11.79 5.54 -2.69
N LEU A 150 -11.54 4.22 -2.69
CA LEU A 150 -10.82 3.62 -3.80
C LEU A 150 -11.63 3.67 -5.09
N HIS A 151 -12.93 3.37 -5.01
CA HIS A 151 -13.74 3.23 -6.21
C HIS A 151 -14.06 4.58 -6.85
N ILE A 152 -14.20 5.63 -6.05
CA ILE A 152 -14.59 6.93 -6.58
C ILE A 152 -13.36 7.65 -7.11
N GLU A 153 -13.54 8.37 -8.21
CA GLU A 153 -12.48 9.15 -8.82
C GLU A 153 -12.54 10.60 -8.34
N ILE A 154 -11.38 11.15 -7.98
CA ILE A 154 -11.27 12.53 -7.54
C ILE A 154 -10.41 13.26 -8.57
N PHE A 155 -10.88 14.41 -9.02
CA PHE A 155 -10.19 15.22 -10.01
C PHE A 155 -9.36 16.29 -9.33
N GLY A 156 -8.41 16.83 -10.09
CA GLY A 156 -7.49 17.85 -9.60
C GLY A 156 -6.09 17.30 -9.43
N THR A 157 -5.21 18.19 -8.94
CA THR A 157 -3.81 17.79 -8.76
C THR A 157 -3.66 16.80 -7.61
N GLN A 158 -4.39 17.01 -6.51
CA GLN A 158 -4.38 16.09 -5.39
C GLN A 158 -5.42 14.99 -5.54
N GLY A 159 -5.88 14.72 -6.75
CA GLY A 159 -6.92 13.74 -7.00
C GLY A 159 -6.38 12.34 -7.16
N LYS A 160 -7.25 11.46 -7.66
CA LYS A 160 -6.90 10.06 -7.83
C LYS A 160 -7.85 9.46 -8.86
N PRO A 161 -7.39 8.49 -9.65
CA PRO A 161 -8.31 7.77 -10.53
C PRO A 161 -9.16 6.79 -9.74
N ALA A 162 -10.14 6.21 -10.43
CA ALA A 162 -10.95 5.17 -9.81
C ALA A 162 -10.13 3.89 -9.71
N ILE A 163 -10.16 3.25 -8.55
CA ILE A 163 -9.33 2.08 -8.27
C ILE A 163 -10.23 0.95 -7.78
N ALA A 164 -9.98 -0.26 -8.27
CA ALA A 164 -10.61 -1.47 -7.78
C ALA A 164 -9.54 -2.38 -7.18
N HIS A 165 -9.85 -2.98 -6.03
CA HIS A 165 -8.86 -3.76 -5.28
C HIS A 165 -8.63 -5.13 -5.91
N ARG A 166 -9.72 -5.85 -6.20
CA ARG A 166 -9.76 -7.15 -6.87
C ARG A 166 -9.28 -8.31 -5.99
N ASP A 167 -8.85 -8.05 -4.75
CA ASP A 167 -8.51 -9.12 -3.82
C ASP A 167 -8.88 -8.72 -2.40
N LEU A 168 -10.07 -8.13 -2.25
CA LEU A 168 -10.51 -7.68 -0.94
C LEU A 168 -10.90 -8.87 -0.08
N LYS A 169 -10.35 -8.92 1.13
CA LYS A 169 -10.65 -10.00 2.06
C LYS A 169 -10.21 -9.59 3.45
N SER A 170 -10.71 -10.31 4.45
CA SER A 170 -10.42 -9.97 5.84
C SER A 170 -8.93 -10.05 6.13
N LYS A 171 -8.18 -10.87 5.39
CA LYS A 171 -6.75 -10.93 5.59
C LYS A 171 -6.04 -9.71 4.99
N ASN A 172 -6.66 -9.02 4.04
CA ASN A 172 -6.11 -7.81 3.45
C ASN A 172 -6.71 -6.55 4.07
N ILE A 173 -7.25 -6.66 5.28
CA ILE A 173 -7.84 -5.54 6.00
C ILE A 173 -7.25 -5.53 7.40
N LEU A 174 -6.62 -4.43 7.77
CA LEU A 174 -5.95 -4.29 9.05
C LEU A 174 -6.79 -3.49 10.02
N VAL A 175 -6.79 -3.91 11.29
CA VAL A 175 -7.52 -3.22 12.35
C VAL A 175 -6.57 -2.26 13.05
N LYS A 176 -6.97 -0.99 13.13
CA LYS A 176 -6.15 0.03 13.74
C LYS A 176 -6.49 0.16 15.22
N LYS A 177 -5.69 0.95 15.94
CA LYS A 177 -5.83 1.05 17.39
C LYS A 177 -7.15 1.68 17.79
N ASN A 178 -7.71 2.55 16.95
CA ASN A 178 -8.95 3.25 17.26
C ASN A 178 -10.20 2.44 16.96
N GLY A 179 -10.05 1.21 16.47
CA GLY A 179 -11.16 0.34 16.16
C GLY A 179 -11.57 0.34 14.71
N GLN A 180 -11.10 1.31 13.92
CA GLN A 180 -11.39 1.36 12.50
C GLN A 180 -10.44 0.45 11.72
N CYS A 181 -10.80 0.18 10.47
CA CYS A 181 -10.03 -0.69 9.60
C CYS A 181 -9.40 0.10 8.47
N CYS A 182 -8.41 -0.51 7.83
CA CYS A 182 -7.83 0.07 6.62
C CYS A 182 -7.54 -1.06 5.63
N ILE A 183 -7.67 -0.73 4.35
CA ILE A 183 -7.51 -1.70 3.27
C ILE A 183 -6.07 -1.69 2.80
N ALA A 184 -5.52 -2.88 2.55
CA ALA A 184 -4.12 -3.05 2.20
C ALA A 184 -3.99 -3.91 0.94
N ASP A 185 -2.76 -4.02 0.45
CA ASP A 185 -2.39 -4.85 -0.70
C ASP A 185 -3.06 -4.37 -1.98
N LEU A 186 -2.41 -3.44 -2.68
CA LEU A 186 -2.90 -2.93 -3.95
C LEU A 186 -2.19 -3.54 -5.15
N GLY A 187 -1.57 -4.71 -4.98
CA GLY A 187 -0.79 -5.30 -6.05
C GLY A 187 -1.61 -5.81 -7.22
N LEU A 188 -2.89 -6.12 -6.99
CA LEU A 188 -3.77 -6.57 -8.04
C LEU A 188 -4.71 -5.47 -8.53
N ALA A 189 -4.44 -4.22 -8.16
CA ALA A 189 -5.39 -3.15 -8.40
C ALA A 189 -5.40 -2.74 -9.87
N VAL A 190 -6.55 -2.20 -10.30
CA VAL A 190 -6.73 -1.64 -11.63
C VAL A 190 -7.21 -0.21 -11.47
N MET A 191 -6.93 0.60 -12.49
CA MET A 191 -7.26 2.02 -12.44
C MET A 191 -8.11 2.41 -13.64
N HIS A 192 -8.80 3.54 -13.49
CA HIS A 192 -9.68 4.04 -14.54
C HIS A 192 -9.86 5.55 -14.38
N SER A 193 -9.81 6.26 -15.50
CA SER A 193 -10.03 7.71 -15.53
C SER A 193 -11.23 8.01 -16.42
N GLN A 194 -12.19 8.77 -15.89
CA GLN A 194 -13.39 9.09 -16.65
C GLN A 194 -13.13 10.05 -17.79
N SER A 195 -12.07 10.86 -17.70
CA SER A 195 -11.80 11.85 -18.74
C SER A 195 -11.49 11.17 -20.08
N THR A 196 -10.77 10.06 -20.05
CA THR A 196 -10.44 9.31 -21.25
C THR A 196 -11.10 7.94 -21.32
N ASN A 197 -11.77 7.51 -20.25
CA ASN A 197 -12.40 6.20 -20.16
C ASN A 197 -11.40 5.06 -20.31
N GLN A 198 -10.12 5.32 -20.10
CA GLN A 198 -9.10 4.29 -20.24
C GLN A 198 -9.04 3.43 -18.98
N LEU A 199 -8.81 2.13 -19.17
CA LEU A 199 -8.72 1.18 -18.08
C LEU A 199 -7.29 0.64 -18.03
N ASP A 200 -6.68 0.72 -16.85
CA ASP A 200 -5.31 0.23 -16.63
C ASP A 200 -5.41 -1.05 -15.81
N VAL A 201 -5.20 -2.18 -16.47
CA VAL A 201 -5.27 -3.46 -15.78
C VAL A 201 -3.91 -3.90 -15.24
N GLY A 202 -2.83 -3.53 -15.92
CA GLY A 202 -1.50 -3.89 -15.46
C GLY A 202 -1.02 -5.20 -16.05
N ASN A 203 0.09 -5.68 -15.48
CA ASN A 203 0.72 -6.94 -15.90
C ASN A 203 1.10 -7.71 -14.64
N ASN A 204 0.27 -8.68 -14.26
CA ASN A 204 0.53 -9.46 -13.05
C ASN A 204 0.00 -10.88 -13.20
N PRO A 205 0.87 -11.90 -13.14
CA PRO A 205 0.38 -13.28 -13.18
C PRO A 205 -0.29 -13.75 -11.90
N ARG A 206 -0.35 -12.91 -10.87
CA ARG A 206 -0.98 -13.30 -9.61
C ARG A 206 -2.49 -13.42 -9.79
N VAL A 207 -3.07 -14.45 -9.20
CA VAL A 207 -4.52 -14.66 -9.24
C VAL A 207 -5.10 -14.30 -7.89
N GLY A 208 -6.36 -13.88 -7.89
CA GLY A 208 -7.03 -13.49 -6.67
C GLY A 208 -7.31 -14.68 -5.77
N THR A 209 -7.74 -14.37 -4.55
CA THR A 209 -8.12 -15.41 -3.60
C THR A 209 -9.39 -16.11 -4.10
N LYS A 210 -9.31 -17.43 -4.23
CA LYS A 210 -10.42 -18.17 -4.84
C LYS A 210 -11.65 -18.20 -3.95
N ARG A 211 -11.47 -18.22 -2.63
CA ARG A 211 -12.62 -18.27 -1.72
C ARG A 211 -13.49 -17.03 -1.85
N TYR A 212 -12.91 -15.89 -2.22
CA TYR A 212 -13.64 -14.64 -2.32
C TYR A 212 -14.01 -14.27 -3.75
N MET A 213 -13.87 -15.20 -4.69
CA MET A 213 -14.10 -14.87 -6.10
C MET A 213 -15.59 -14.75 -6.39
N ALA A 214 -15.94 -13.75 -7.19
CA ALA A 214 -17.32 -13.49 -7.55
C ALA A 214 -17.83 -14.54 -8.54
N PRO A 215 -19.15 -14.73 -8.63
CA PRO A 215 -19.67 -15.71 -9.60
C PRO A 215 -19.23 -15.45 -11.02
N GLU A 216 -19.24 -14.18 -11.46
CA GLU A 216 -18.84 -13.86 -12.82
C GLU A 216 -17.37 -14.14 -13.08
N VAL A 217 -16.56 -14.26 -12.02
CA VAL A 217 -15.16 -14.61 -12.21
C VAL A 217 -15.01 -16.12 -12.37
N LEU A 218 -15.80 -16.90 -11.63
CA LEU A 218 -15.63 -18.34 -11.64
C LEU A 218 -16.18 -19.00 -12.90
N ASP A 219 -17.23 -18.43 -13.50
CA ASP A 219 -17.76 -18.93 -14.76
C ASP A 219 -17.22 -18.17 -15.96
N GLU A 220 -16.21 -17.31 -15.75
CA GLU A 220 -15.51 -16.60 -16.82
C GLU A 220 -16.44 -15.69 -17.63
N THR A 221 -17.54 -15.23 -17.02
CA THR A 221 -18.48 -14.36 -17.70
C THR A 221 -18.26 -12.88 -17.39
N ILE A 222 -17.25 -12.55 -16.58
CA ILE A 222 -17.00 -11.16 -16.22
C ILE A 222 -16.49 -10.40 -17.44
N GLN A 223 -17.01 -9.19 -17.64
CA GLN A 223 -16.58 -8.31 -18.73
C GLN A 223 -15.26 -7.68 -18.34
N VAL A 224 -14.16 -8.20 -18.87
CA VAL A 224 -12.83 -7.80 -18.42
C VAL A 224 -12.43 -6.42 -18.92
N ASP A 225 -13.14 -5.89 -19.92
CA ASP A 225 -12.82 -4.59 -20.48
C ASP A 225 -13.66 -3.48 -19.87
N CYS A 226 -14.43 -3.78 -18.82
CA CYS A 226 -15.31 -2.82 -18.17
C CYS A 226 -14.86 -2.64 -16.73
N PHE A 227 -14.51 -1.40 -16.36
CA PHE A 227 -14.02 -1.13 -15.01
C PHE A 227 -15.10 -1.37 -13.96
N ASP A 228 -16.37 -1.16 -14.31
CA ASP A 228 -17.44 -1.39 -13.35
C ASP A 228 -17.52 -2.85 -12.93
N SER A 229 -17.06 -3.76 -13.77
CA SER A 229 -17.08 -5.18 -13.41
C SER A 229 -16.10 -5.48 -12.28
N TYR A 230 -14.95 -4.80 -12.27
CA TYR A 230 -13.99 -5.03 -11.20
C TYR A 230 -14.47 -4.44 -9.87
N LYS A 231 -15.20 -3.33 -9.92
CA LYS A 231 -15.74 -2.76 -8.69
C LYS A 231 -16.78 -3.70 -8.07
N ARG A 232 -17.57 -4.36 -8.91
CA ARG A 232 -18.61 -5.26 -8.41
C ARG A 232 -18.02 -6.56 -7.87
N VAL A 233 -16.81 -6.92 -8.29
CA VAL A 233 -16.12 -8.04 -7.66
C VAL A 233 -15.74 -7.66 -6.23
N ASP A 234 -15.30 -6.42 -6.02
CA ASP A 234 -15.02 -5.95 -4.67
C ASP A 234 -16.26 -5.99 -3.79
N ILE A 235 -17.40 -5.59 -4.35
CA ILE A 235 -18.64 -5.57 -3.58
C ILE A 235 -19.04 -6.98 -3.16
N TRP A 236 -18.86 -7.95 -4.06
CA TRP A 236 -19.12 -9.34 -3.71
C TRP A 236 -18.22 -9.77 -2.56
N ALA A 237 -16.91 -9.53 -2.67
CA ALA A 237 -16.00 -9.92 -1.62
C ALA A 237 -16.29 -9.15 -0.33
N PHE A 238 -16.66 -7.88 -0.46
CA PHE A 238 -17.00 -7.08 0.71
C PHE A 238 -18.19 -7.68 1.45
N GLY A 239 -19.21 -8.12 0.72
CA GLY A 239 -20.34 -8.77 1.35
C GLY A 239 -19.96 -9.99 2.15
N LEU A 240 -19.00 -10.77 1.65
CA LEU A 240 -18.51 -11.91 2.41
C LEU A 240 -17.77 -11.46 3.66
N VAL A 241 -17.04 -10.34 3.57
CA VAL A 241 -16.36 -9.80 4.74
C VAL A 241 -17.38 -9.31 5.77
N LEU A 242 -18.48 -8.71 5.30
CA LEU A 242 -19.57 -8.35 6.21
C LEU A 242 -20.07 -9.57 6.95
N TRP A 243 -20.20 -10.70 6.25
CA TRP A 243 -20.67 -11.93 6.87
C TRP A 243 -19.70 -12.42 7.94
N GLU A 244 -18.40 -12.23 7.72
CA GLU A 244 -17.42 -12.63 8.73
C GLU A 244 -17.51 -11.76 9.97
N VAL A 245 -17.72 -10.46 9.79
CA VAL A 245 -17.70 -9.53 10.91
C VAL A 245 -18.97 -9.66 11.75
N ALA A 246 -20.13 -9.72 11.09
CA ALA A 246 -21.39 -9.76 11.81
C ALA A 246 -21.56 -11.02 12.65
N ARG A 247 -20.87 -12.11 12.28
CA ARG A 247 -20.94 -13.32 13.10
C ARG A 247 -20.34 -13.10 14.48
N ARG A 248 -19.39 -12.18 14.60
CA ARG A 248 -18.70 -11.96 15.86
C ARG A 248 -19.35 -10.89 16.73
N MET A 249 -20.48 -10.33 16.31
CA MET A 249 -21.19 -9.35 17.12
C MET A 249 -22.17 -10.06 18.03
N VAL A 250 -22.13 -9.71 19.32
CA VAL A 250 -22.97 -10.36 20.32
C VAL A 250 -24.35 -9.70 20.32
N SER A 251 -25.39 -10.53 20.34
CA SER A 251 -26.75 -10.04 20.50
C SER A 251 -27.53 -11.06 21.30
N ASN A 252 -28.13 -10.62 22.41
CA ASN A 252 -28.88 -11.50 23.31
C ASN A 252 -27.99 -12.62 23.85
N GLY A 253 -26.73 -12.29 24.12
CA GLY A 253 -25.81 -13.25 24.69
C GLY A 253 -25.41 -14.38 23.77
N ILE A 254 -25.63 -14.24 22.46
CA ILE A 254 -25.31 -15.26 21.49
C ILE A 254 -24.28 -14.70 20.52
N VAL A 255 -23.33 -15.55 20.11
CA VAL A 255 -22.31 -15.16 19.14
C VAL A 255 -21.84 -16.42 18.41
N GLU A 256 -21.44 -16.25 17.16
CA GLU A 256 -20.94 -17.36 16.36
C GLU A 256 -19.42 -17.40 16.42
N ASP A 257 -18.87 -18.61 16.36
CA ASP A 257 -17.43 -18.77 16.21
C ASP A 257 -16.99 -18.18 14.88
N TYR A 258 -15.71 -17.80 14.81
CA TYR A 258 -15.20 -17.32 13.54
C TYR A 258 -15.17 -18.45 12.53
N LYS A 259 -15.61 -18.16 11.31
CA LYS A 259 -15.56 -19.10 10.21
C LYS A 259 -15.29 -18.30 8.94
N PRO A 260 -14.46 -18.81 8.03
CA PRO A 260 -14.29 -18.16 6.74
C PRO A 260 -15.53 -18.35 5.89
N PRO A 261 -15.71 -17.55 4.84
CA PRO A 261 -16.87 -17.75 3.95
C PRO A 261 -16.86 -19.14 3.34
N PHE A 262 -18.03 -19.77 3.35
CA PHE A 262 -18.23 -21.11 2.78
C PHE A 262 -17.41 -22.17 3.50
N TYR A 263 -17.23 -21.99 4.82
CA TYR A 263 -16.45 -22.95 5.60
C TYR A 263 -17.08 -24.33 5.60
N ASP A 264 -18.39 -24.40 5.47
CA ASP A 264 -19.15 -25.64 5.62
C ASP A 264 -19.33 -26.41 4.31
N VAL A 265 -18.88 -25.86 3.18
CA VAL A 265 -19.10 -26.51 1.89
C VAL A 265 -17.82 -26.70 1.10
N VAL A 266 -16.73 -26.04 1.46
CA VAL A 266 -15.48 -26.17 0.72
C VAL A 266 -14.35 -26.40 1.72
N PRO A 267 -13.25 -27.00 1.28
CA PRO A 267 -12.13 -27.20 2.21
C PRO A 267 -11.17 -26.02 2.25
N ASN A 268 -10.14 -26.10 3.08
CA ASN A 268 -9.14 -25.05 3.12
C ASN A 268 -8.34 -25.04 1.82
N ASP A 269 -7.92 -23.84 1.41
CA ASP A 269 -7.26 -23.62 0.13
C ASP A 269 -8.07 -24.24 -1.01
N PRO A 270 -9.29 -23.75 -1.25
CA PRO A 270 -10.16 -24.38 -2.24
C PRO A 270 -9.70 -24.11 -3.66
N SER A 271 -10.16 -24.95 -4.57
CA SER A 271 -9.78 -24.87 -5.97
C SER A 271 -10.82 -24.07 -6.75
N PHE A 272 -10.54 -23.85 -8.04
CA PHE A 272 -11.50 -23.19 -8.91
C PHE A 272 -12.80 -23.99 -9.01
N GLU A 273 -12.68 -25.31 -9.17
CA GLU A 273 -13.87 -26.14 -9.31
C GLU A 273 -14.67 -26.20 -8.00
N ASP A 274 -13.98 -26.12 -6.85
CA ASP A 274 -14.70 -26.09 -5.58
C ASP A 274 -15.59 -24.87 -5.49
N MET A 275 -15.09 -23.72 -5.94
CA MET A 275 -15.88 -22.49 -5.89
C MET A 275 -16.93 -22.47 -6.99
N ARG A 276 -16.58 -22.94 -8.19
CA ARG A 276 -17.51 -22.91 -9.32
C ARG A 276 -18.73 -23.77 -9.06
N LYS A 277 -18.55 -24.90 -8.39
CA LYS A 277 -19.70 -25.74 -8.05
C LYS A 277 -20.56 -25.11 -6.98
N VAL A 278 -19.94 -24.44 -6.01
CA VAL A 278 -20.69 -23.88 -4.89
C VAL A 278 -21.34 -22.56 -5.29
N VAL A 279 -20.58 -21.67 -5.92
CA VAL A 279 -21.06 -20.31 -6.15
C VAL A 279 -21.89 -20.22 -7.41
N CYS A 280 -21.45 -20.87 -8.50
CA CYS A 280 -22.09 -20.75 -9.80
C CYS A 280 -23.12 -21.83 -10.06
N VAL A 281 -22.73 -23.11 -9.93
CA VAL A 281 -23.62 -24.20 -10.28
C VAL A 281 -24.78 -24.30 -9.29
N ASP A 282 -24.48 -24.25 -8.00
CA ASP A 282 -25.49 -24.38 -6.97
C ASP A 282 -26.03 -23.03 -6.49
N GLN A 283 -25.39 -21.93 -6.88
CA GLN A 283 -25.85 -20.58 -6.50
C GLN A 283 -25.97 -20.43 -4.98
N GLN A 284 -25.01 -21.00 -4.26
CA GLN A 284 -25.03 -20.95 -2.81
C GLN A 284 -24.48 -19.63 -2.29
N ARG A 285 -25.00 -19.21 -1.14
CA ARG A 285 -24.57 -18.01 -0.44
C ARG A 285 -24.41 -18.33 1.04
N PRO A 286 -23.61 -17.54 1.77
CA PRO A 286 -23.47 -17.79 3.21
C PRO A 286 -24.79 -17.67 3.92
N ASN A 287 -25.02 -18.56 4.89
CA ASN A 287 -26.28 -18.56 5.62
C ASN A 287 -26.34 -17.38 6.58
N ILE A 288 -27.50 -16.74 6.64
CA ILE A 288 -27.74 -15.64 7.57
C ILE A 288 -28.43 -16.22 8.80
N PRO A 289 -27.79 -16.19 9.97
CA PRO A 289 -28.44 -16.72 11.18
C PRO A 289 -29.71 -15.95 11.50
N ASN A 290 -30.71 -16.68 12.01
CA ASN A 290 -32.01 -16.06 12.26
C ASN A 290 -31.97 -15.09 13.42
N ARG A 291 -31.06 -15.30 14.38
CA ARG A 291 -30.95 -14.40 15.52
C ARG A 291 -30.52 -12.99 15.12
N TRP A 292 -30.03 -12.80 13.89
CA TRP A 292 -29.60 -11.48 13.47
C TRP A 292 -30.77 -10.54 13.27
N PHE A 293 -31.93 -11.06 12.87
CA PHE A 293 -33.10 -10.25 12.65
C PHE A 293 -33.75 -9.81 13.95
N SER A 294 -33.36 -10.38 15.09
CA SER A 294 -33.77 -9.89 16.39
C SER A 294 -32.91 -8.73 16.88
N ASP A 295 -31.94 -8.29 16.08
CA ASP A 295 -31.06 -7.18 16.41
C ASP A 295 -31.06 -6.19 15.25
N PRO A 296 -31.35 -4.91 15.50
CA PRO A 296 -31.44 -3.95 14.39
C PRO A 296 -30.14 -3.74 13.65
N THR A 297 -29.00 -3.84 14.34
CA THR A 297 -27.72 -3.67 13.66
C THR A 297 -27.44 -4.80 12.69
N LEU A 298 -27.58 -6.05 13.16
CA LEU A 298 -27.35 -7.19 12.31
C LEU A 298 -28.43 -7.34 11.25
N THR A 299 -29.63 -6.78 11.49
CA THR A 299 -30.65 -6.76 10.45
C THR A 299 -30.21 -5.91 9.26
N SER A 300 -29.65 -4.73 9.53
CA SER A 300 -29.15 -3.89 8.46
C SER A 300 -27.96 -4.54 7.75
N LEU A 301 -27.08 -5.20 8.50
CA LEU A 301 -25.94 -5.88 7.90
C LEU A 301 -26.39 -7.06 7.04
N ALA A 302 -27.35 -7.85 7.54
CA ALA A 302 -27.87 -8.96 6.75
C ALA A 302 -28.50 -8.47 5.46
N LYS A 303 -29.19 -7.33 5.50
CA LYS A 303 -29.74 -6.76 4.28
C LYS A 303 -28.63 -6.33 3.32
N LEU A 304 -27.50 -5.87 3.85
CA LEU A 304 -26.42 -5.42 2.97
C LEU A 304 -25.71 -6.60 2.32
N MET A 305 -25.52 -7.69 3.06
CA MET A 305 -24.87 -8.88 2.48
C MET A 305 -25.65 -9.41 1.29
N LYS A 306 -26.96 -9.59 1.46
CA LYS A 306 -27.77 -10.12 0.37
C LYS A 306 -27.73 -9.22 -0.85
N GLU A 307 -27.57 -7.91 -0.64
CA GLU A 307 -27.46 -6.98 -1.74
C GLU A 307 -26.06 -6.91 -2.33
N CYS A 308 -25.09 -7.62 -1.74
CA CYS A 308 -23.78 -7.78 -2.35
C CYS A 308 -23.62 -9.11 -3.08
N TRP A 309 -24.60 -10.00 -2.95
CA TRP A 309 -24.47 -11.38 -3.42
C TRP A 309 -25.39 -11.68 -4.60
N TYR A 310 -25.92 -10.67 -5.26
CA TYR A 310 -26.79 -10.90 -6.41
C TYR A 310 -26.01 -11.57 -7.53
N GLN A 311 -26.61 -12.60 -8.14
CA GLN A 311 -25.98 -13.26 -9.28
C GLN A 311 -25.74 -12.26 -10.40
N ASN A 312 -26.70 -11.40 -10.66
CA ASN A 312 -26.48 -10.30 -11.59
C ASN A 312 -25.57 -9.27 -10.94
N PRO A 313 -24.39 -8.99 -11.49
CA PRO A 313 -23.51 -8.00 -10.86
C PRO A 313 -24.11 -6.61 -10.79
N SER A 314 -24.85 -6.20 -11.83
CA SER A 314 -25.43 -4.86 -11.88
C SER A 314 -26.46 -4.61 -10.76
N ALA A 315 -27.02 -5.68 -10.20
CA ALA A 315 -27.97 -5.54 -9.10
C ALA A 315 -27.30 -5.26 -7.76
N ARG A 316 -26.00 -5.49 -7.65
CA ARG A 316 -25.31 -5.29 -6.38
C ARG A 316 -25.23 -3.80 -6.03
N LEU A 317 -25.14 -3.51 -4.73
CA LEU A 317 -25.00 -2.14 -4.29
C LEU A 317 -23.61 -1.61 -4.60
N THR A 318 -23.47 -0.29 -4.55
CA THR A 318 -22.18 0.36 -4.70
C THR A 318 -21.53 0.55 -3.33
N ALA A 319 -20.21 0.72 -3.33
CA ALA A 319 -19.50 0.96 -2.08
C ALA A 319 -19.97 2.23 -1.41
N LEU A 320 -20.32 3.25 -2.20
CA LEU A 320 -20.82 4.50 -1.63
C LEU A 320 -22.21 4.32 -1.03
N ARG A 321 -23.05 3.51 -1.67
CA ARG A 321 -24.37 3.23 -1.12
C ARG A 321 -24.27 2.50 0.22
N ILE A 322 -23.27 1.63 0.36
CA ILE A 322 -23.13 0.88 1.61
C ILE A 322 -22.70 1.81 2.73
N LYS A 323 -21.78 2.74 2.46
CA LYS A 323 -21.34 3.66 3.50
C LYS A 323 -22.49 4.53 4.00
N LYS A 324 -23.33 5.02 3.08
CA LYS A 324 -24.44 5.88 3.49
C LYS A 324 -25.41 5.13 4.38
N THR A 325 -25.68 3.86 4.06
CA THR A 325 -26.56 3.06 4.92
C THR A 325 -25.93 2.84 6.29
N LEU A 326 -24.63 2.58 6.34
CA LEU A 326 -23.97 2.35 7.62
C LEU A 326 -23.88 3.63 8.44
N THR A 327 -23.80 4.78 7.79
CA THR A 327 -23.77 6.05 8.52
C THR A 327 -25.08 6.31 9.23
N LYS A 328 -26.19 5.85 8.67
CA LYS A 328 -27.52 6.04 9.25
C LYS A 328 -27.86 4.99 10.30
N ILE A 329 -27.00 4.01 10.52
CA ILE A 329 -27.27 2.96 11.50
C ILE A 329 -26.68 3.34 12.85
N GLY B 3 30.65 7.07 -15.30
CA GLY B 3 30.06 6.75 -14.03
C GLY B 3 29.23 7.86 -13.41
N VAL B 4 29.91 8.88 -12.89
CA VAL B 4 29.26 10.04 -12.28
C VAL B 4 30.05 11.28 -12.65
N GLN B 5 29.41 12.24 -13.30
CA GLN B 5 30.05 13.48 -13.71
C GLN B 5 29.68 14.60 -12.73
N VAL B 6 30.69 15.28 -12.21
CA VAL B 6 30.51 16.35 -11.23
C VAL B 6 30.87 17.67 -11.91
N GLU B 7 29.86 18.50 -12.16
CA GLU B 7 30.04 19.82 -12.76
C GLU B 7 29.83 20.87 -11.67
N THR B 8 30.90 21.61 -11.35
CA THR B 8 30.82 22.59 -10.28
C THR B 8 30.03 23.82 -10.73
N ILE B 9 29.08 24.23 -9.91
CA ILE B 9 28.30 25.45 -10.13
C ILE B 9 28.85 26.61 -9.31
N SER B 10 29.08 26.37 -8.01
CA SER B 10 29.65 27.35 -7.10
C SER B 10 30.64 26.63 -6.21
N PRO B 11 31.80 27.22 -5.94
CA PRO B 11 32.84 26.51 -5.18
C PRO B 11 32.51 26.45 -3.70
N GLY B 12 33.14 25.48 -3.04
CA GLY B 12 33.11 25.35 -1.60
C GLY B 12 34.34 25.95 -0.95
N ASP B 13 34.67 25.46 0.24
CA ASP B 13 35.89 25.90 0.91
C ASP B 13 37.14 25.26 0.32
N GLY B 14 36.99 24.21 -0.49
CA GLY B 14 38.13 23.54 -1.09
C GLY B 14 38.98 22.75 -0.13
N ARG B 15 38.55 22.58 1.12
CA ARG B 15 39.34 21.88 2.12
C ARG B 15 38.57 20.75 2.81
N THR B 16 37.31 20.98 3.15
CA THR B 16 36.53 20.01 3.93
C THR B 16 35.71 19.16 2.98
N PHE B 17 36.15 17.92 2.76
CA PHE B 17 35.45 16.96 1.92
C PHE B 17 34.90 15.82 2.77
N PRO B 18 33.74 15.25 2.40
CA PRO B 18 33.12 14.23 3.24
C PRO B 18 33.97 12.97 3.32
N LYS B 19 34.05 12.42 4.52
CA LYS B 19 34.77 11.18 4.78
C LYS B 19 33.78 10.10 5.22
N ARG B 20 34.27 8.86 5.26
CA ARG B 20 33.42 7.74 5.63
C ARG B 20 32.88 7.92 7.04
N GLY B 21 31.56 7.79 7.19
CA GLY B 21 30.90 7.89 8.46
C GLY B 21 30.27 9.25 8.73
N GLN B 22 30.70 10.29 8.03
CA GLN B 22 30.14 11.61 8.22
C GLN B 22 28.76 11.70 7.58
N THR B 23 27.91 12.53 8.19
CA THR B 23 26.57 12.77 7.68
C THR B 23 26.61 13.99 6.77
N CYS B 24 26.18 13.83 5.53
CA CYS B 24 26.19 14.91 4.56
C CYS B 24 24.83 15.59 4.54
N VAL B 25 24.80 16.88 4.86
CA VAL B 25 23.59 17.68 4.81
C VAL B 25 23.60 18.44 3.49
N VAL B 26 22.63 18.15 2.63
CA VAL B 26 22.61 18.69 1.28
C VAL B 26 21.23 19.26 0.97
N HIS B 27 21.20 20.13 -0.05
CA HIS B 27 19.99 20.50 -0.75
C HIS B 27 20.11 20.00 -2.17
N TYR B 28 19.07 19.33 -2.67
CA TYR B 28 19.15 18.70 -3.97
C TYR B 28 17.87 18.93 -4.76
N THR B 29 17.99 18.76 -6.07
CA THR B 29 16.84 18.74 -6.98
C THR B 29 17.12 17.69 -8.03
N GLY B 30 16.31 16.63 -8.05
CA GLY B 30 16.52 15.54 -8.98
C GLY B 30 15.74 15.76 -10.27
N MET B 31 16.41 15.53 -11.41
CA MET B 31 15.80 15.69 -12.71
C MET B 31 16.18 14.53 -13.61
N LEU B 32 15.24 14.12 -14.47
CA LEU B 32 15.57 13.19 -15.53
C LEU B 32 16.41 13.90 -16.60
N GLU B 33 16.99 13.11 -17.50
CA GLU B 33 17.77 13.70 -18.58
C GLU B 33 16.89 14.41 -19.60
N ASP B 34 15.57 14.33 -19.47
CA ASP B 34 14.64 15.11 -20.27
C ASP B 34 14.18 16.38 -19.57
N GLY B 35 14.75 16.69 -18.41
CA GLY B 35 14.40 17.88 -17.67
C GLY B 35 13.28 17.70 -16.67
N LYS B 36 12.63 16.54 -16.65
CA LYS B 36 11.51 16.33 -15.73
C LYS B 36 12.02 16.18 -14.31
N LYS B 37 11.60 17.10 -13.44
CA LYS B 37 11.97 17.05 -12.02
C LYS B 37 11.13 16.01 -11.30
N PHE B 38 11.80 15.12 -10.54
CA PHE B 38 11.10 14.09 -9.79
C PHE B 38 11.23 14.23 -8.28
N ASP B 39 12.17 15.04 -7.79
CA ASP B 39 12.35 15.22 -6.36
C ASP B 39 13.21 16.45 -6.13
N SER B 40 12.90 17.16 -5.04
CA SER B 40 13.68 18.35 -4.69
C SER B 40 13.50 18.63 -3.21
N SER B 41 14.60 18.57 -2.45
CA SER B 41 14.58 19.01 -1.07
C SER B 41 14.39 20.51 -0.94
N ARG B 42 14.73 21.27 -1.99
CA ARG B 42 14.58 22.71 -1.95
C ARG B 42 13.11 23.12 -1.97
N ASP B 43 12.28 22.37 -2.69
CA ASP B 43 10.87 22.73 -2.82
C ASP B 43 10.15 22.67 -1.48
N ARG B 44 10.60 21.81 -0.57
CA ARG B 44 10.01 21.70 0.76
C ARG B 44 10.82 22.43 1.82
N ASN B 45 11.92 23.08 1.44
CA ASN B 45 12.76 23.84 2.38
C ASN B 45 13.19 22.96 3.55
N LYS B 46 13.59 21.74 3.26
CA LYS B 46 14.05 20.79 4.27
C LYS B 46 15.32 20.12 3.76
N PRO B 47 16.47 20.39 4.38
CA PRO B 47 17.71 19.74 3.93
C PRO B 47 17.62 18.23 4.08
N PHE B 48 18.36 17.54 3.22
CA PHE B 48 18.40 16.08 3.20
C PHE B 48 19.72 15.60 3.78
N LYS B 49 19.66 14.61 4.67
CA LYS B 49 20.83 14.09 5.35
C LYS B 49 21.02 12.61 5.02
N PHE B 50 22.28 12.21 4.88
CA PHE B 50 22.63 10.81 4.65
C PHE B 50 24.07 10.60 5.10
N MET B 51 24.36 9.37 5.53
CA MET B 51 25.67 9.02 6.06
C MET B 51 26.51 8.39 4.94
N LEU B 52 27.68 8.97 4.68
CA LEU B 52 28.56 8.46 3.65
C LEU B 52 29.11 7.09 4.05
N GLY B 53 29.11 6.15 3.10
CA GLY B 53 29.60 4.82 3.32
C GLY B 53 28.56 3.83 3.80
N LYS B 54 27.37 4.28 4.16
CA LYS B 54 26.30 3.40 4.61
C LYS B 54 25.42 2.92 3.47
N GLN B 55 25.71 3.33 2.23
CA GLN B 55 24.93 2.93 1.06
C GLN B 55 23.46 3.35 1.20
N GLU B 56 23.25 4.53 1.79
CA GLU B 56 21.91 5.07 1.99
C GLU B 56 21.42 5.86 0.78
N VAL B 57 22.28 6.12 -0.20
CA VAL B 57 21.91 6.77 -1.45
C VAL B 57 22.56 5.99 -2.59
N ILE B 58 22.24 6.39 -3.81
CA ILE B 58 22.77 5.69 -4.98
C ILE B 58 24.28 5.90 -5.08
N ARG B 59 24.94 5.01 -5.83
CA ARG B 59 26.40 5.03 -5.89
C ARG B 59 26.93 6.33 -6.49
N GLY B 60 26.22 6.88 -7.49
CA GLY B 60 26.64 8.14 -8.06
C GLY B 60 26.55 9.29 -7.09
N TRP B 61 25.58 9.26 -6.18
CA TRP B 61 25.48 10.30 -5.17
C TRP B 61 26.65 10.23 -4.19
N GLU B 62 26.98 9.02 -3.73
CA GLU B 62 28.08 8.85 -2.79
C GLU B 62 29.39 9.34 -3.41
N GLU B 63 29.79 8.76 -4.54
CA GLU B 63 31.05 9.11 -5.16
C GLU B 63 31.07 10.55 -5.66
N GLY B 64 29.90 11.14 -5.92
CA GLY B 64 29.83 12.52 -6.37
C GLY B 64 29.94 13.51 -5.23
N VAL B 65 29.19 13.26 -4.15
CA VAL B 65 29.24 14.13 -2.99
C VAL B 65 30.60 14.02 -2.29
N ALA B 66 31.24 12.86 -2.36
CA ALA B 66 32.55 12.68 -1.76
C ALA B 66 33.61 13.57 -2.39
N GLN B 67 33.39 14.04 -3.61
CA GLN B 67 34.35 14.90 -4.30
C GLN B 67 34.05 16.38 -4.13
N MET B 68 32.96 16.72 -3.44
CA MET B 68 32.60 18.11 -3.19
C MET B 68 33.11 18.56 -1.83
N SER B 69 33.37 19.85 -1.71
CA SER B 69 33.72 20.47 -0.44
C SER B 69 32.51 21.16 0.16
N VAL B 70 32.57 21.40 1.47
CA VAL B 70 31.44 22.02 2.16
C VAL B 70 31.21 23.42 1.61
N GLY B 71 29.96 23.71 1.24
CA GLY B 71 29.60 24.96 0.63
C GLY B 71 29.60 24.94 -0.88
N GLN B 72 30.01 23.84 -1.49
CA GLN B 72 30.05 23.75 -2.95
C GLN B 72 28.68 23.38 -3.51
N ARG B 73 28.35 23.97 -4.65
CA ARG B 73 27.17 23.60 -5.41
C ARG B 73 27.65 22.95 -6.70
N ALA B 74 27.22 21.71 -6.94
CA ALA B 74 27.73 20.93 -8.06
C ALA B 74 26.58 20.30 -8.81
N LYS B 75 26.84 19.95 -10.07
CA LYS B 75 25.89 19.28 -10.95
C LYS B 75 26.35 17.84 -11.09
N LEU B 76 25.52 16.90 -10.63
CA LEU B 76 25.84 15.49 -10.65
C LEU B 76 25.01 14.81 -11.73
N THR B 77 25.67 14.38 -12.80
CA THR B 77 25.05 13.58 -13.85
C THR B 77 25.39 12.12 -13.59
N ILE B 78 24.38 11.35 -13.18
CA ILE B 78 24.57 9.99 -12.72
C ILE B 78 24.12 9.03 -13.81
N SER B 79 24.97 8.04 -14.13
CA SER B 79 24.63 7.01 -15.09
C SER B 79 23.74 5.95 -14.45
N PRO B 80 22.88 5.28 -15.24
CA PRO B 80 21.98 4.26 -14.67
C PRO B 80 22.68 3.23 -13.80
N ASP B 81 23.86 2.76 -14.20
CA ASP B 81 24.57 1.78 -13.40
C ASP B 81 25.07 2.37 -12.08
N TYR B 82 25.24 3.69 -12.01
CA TYR B 82 25.52 4.38 -10.77
C TYR B 82 24.26 4.86 -10.08
N ALA B 83 23.09 4.64 -10.67
CA ALA B 83 21.84 5.17 -10.16
C ALA B 83 20.91 3.99 -9.87
N TYR B 84 19.76 3.92 -10.54
CA TYR B 84 18.74 2.92 -10.25
C TYR B 84 18.68 1.81 -11.30
N GLY B 85 19.56 1.85 -12.31
CA GLY B 85 19.78 0.74 -13.21
C GLY B 85 18.57 0.38 -14.06
N ALA B 86 18.47 -0.91 -14.38
CA ALA B 86 17.45 -1.41 -15.28
C ALA B 86 16.07 -1.43 -14.67
N THR B 87 15.97 -1.59 -13.34
CA THR B 87 14.65 -1.63 -12.71
C THR B 87 14.12 -0.23 -12.44
N GLY B 88 15.00 0.70 -12.06
CA GLY B 88 14.54 2.02 -11.70
C GLY B 88 13.67 1.97 -10.46
N HIS B 89 12.83 3.00 -10.32
CA HIS B 89 11.83 3.04 -9.27
C HIS B 89 10.46 3.16 -9.90
N PRO B 90 9.58 2.17 -9.75
CA PRO B 90 8.27 2.21 -10.40
C PRO B 90 7.51 3.48 -10.06
N GLY B 91 7.13 4.22 -11.09
CA GLY B 91 6.35 5.43 -10.95
C GLY B 91 7.14 6.70 -10.78
N ILE B 92 8.47 6.62 -10.69
CA ILE B 92 9.30 7.82 -10.54
C ILE B 92 10.45 7.76 -11.53
N ILE B 93 11.20 6.67 -11.53
CA ILE B 93 12.43 6.52 -12.31
C ILE B 93 12.18 5.47 -13.38
N PRO B 94 12.30 5.80 -14.66
CA PRO B 94 12.15 4.80 -15.71
C PRO B 94 13.36 3.89 -15.77
N PRO B 95 13.24 2.73 -16.42
CA PRO B 95 14.43 1.87 -16.60
C PRO B 95 15.53 2.58 -17.37
N HIS B 96 16.77 2.36 -16.91
CA HIS B 96 17.96 2.89 -17.57
C HIS B 96 17.91 4.42 -17.69
N ALA B 97 17.57 5.07 -16.58
CA ALA B 97 17.38 6.51 -16.57
C ALA B 97 18.67 7.20 -16.12
N THR B 98 19.20 8.06 -16.97
CA THR B 98 20.32 8.93 -16.60
C THR B 98 19.79 10.09 -15.78
N LEU B 99 20.45 10.37 -14.65
CA LEU B 99 19.94 11.31 -13.66
C LEU B 99 20.82 12.55 -13.58
N VAL B 100 20.18 13.70 -13.37
CA VAL B 100 20.86 14.99 -13.20
C VAL B 100 20.45 15.54 -11.85
N PHE B 101 21.43 15.78 -10.98
CA PHE B 101 21.20 16.25 -9.62
C PHE B 101 21.89 17.58 -9.40
N ASP B 102 21.13 18.58 -8.95
CA ASP B 102 21.67 19.86 -8.51
C ASP B 102 21.82 19.78 -7.00
N VAL B 103 23.02 19.46 -6.54
CA VAL B 103 23.28 19.20 -5.13
C VAL B 103 24.20 20.29 -4.59
N GLU B 104 23.89 20.78 -3.38
CA GLU B 104 24.73 21.72 -2.66
C GLU B 104 25.05 21.12 -1.29
N LEU B 105 26.33 20.87 -1.05
CA LEU B 105 26.76 20.32 0.24
C LEU B 105 26.73 21.43 1.29
N LEU B 106 25.73 21.39 2.17
CA LEU B 106 25.53 22.46 3.13
C LEU B 106 26.50 22.34 4.30
N LYS B 107 26.52 21.19 4.98
CA LYS B 107 27.41 21.00 6.11
C LYS B 107 27.61 19.51 6.34
N LEU B 108 28.53 19.19 7.24
CA LEU B 108 28.83 17.81 7.62
C LEU B 108 28.64 17.65 9.12
N GLU B 109 28.12 16.50 9.52
CA GLU B 109 27.88 16.22 10.93
C GLU B 109 28.38 14.83 11.30
C18 7IO C . -1.08 -6.18 5.45
C17 7IO C . 0.05 -5.58 4.84
C16 7IO C . 0.23 -5.73 3.48
C14 7IO C . 2.22 -4.47 3.53
C13 7IO C . 2.11 -4.28 4.92
C12 7IO C . 1.02 -4.85 5.60
C11 7IO C . 0.87 -4.65 7.10
C10 7IO C . 0.85 -3.42 7.75
C19 7IO C . -2.01 -6.90 4.69
C02 7IO C . -0.18 -9.53 14.03
C03 7IO C . 0.60 -8.37 14.11
C04 7IO C . 0.81 -7.60 12.95
C05 7IO C . 0.23 -7.98 11.74
C06 7IO C . 0.42 -7.14 10.44
C07 7IO C . 0.46 -5.74 10.52
C08 7IO C . 0.62 -5.00 9.31
C20 7IO C . -1.81 -7.03 3.32
C21 7IO C . -0.71 -6.45 2.71
C22 7IO C . 0.72 -5.68 8.11
C24 7IO C . 0.52 -7.76 9.18
C25 7IO C . -0.56 -9.13 11.68
C26 7IO C . -0.77 -9.90 12.82
C27 7IO C . -1.29 -11.55 15.07
C28 7IO C . -1.39 -12.41 16.33
C30 7IO C . -0.92 -10.54 17.69
C31 7IO C . -0.86 -9.63 16.47
N01 7IO C . -0.42 -10.34 15.22
N15 7IO C . 1.31 -5.16 2.86
N23 7IO C . 0.67 -7.04 8.05
N29 7IO C . -1.78 -11.66 17.48
O09 7IO C . 0.69 -3.66 9.06
F F D . -7.96 -16.60 2.73
#